data_7OXV
#
_entry.id   7OXV
#
_cell.length_a   72.533
_cell.length_b   72.533
_cell.length_c   184.149
_cell.angle_alpha   90.000
_cell.angle_beta   90.000
_cell.angle_gamma   90.000
#
_symmetry.space_group_name_H-M   'P 41 21 2'
#
loop_
_entity.id
_entity.type
_entity.pdbx_description
1 polymer Depupylase
2 non-polymer 'TRIETHYLENE GLYCOL'
3 non-polymer 'THIOCYANATE ION'
4 non-polymer DI(HYDROXYETHYL)ETHER
5 non-polymer 1,2-ETHANEDIOL
6 water water
#
_entity_poly.entity_id   1
_entity_poly.type   'polypeptide(L)'
_entity_poly.pdbx_seq_one_letter_code
;MHRVMGIETEYGISVPHQPNANAMAASSQVVNAYAPIGAPAQRQARWDFEEENPLRDARGFEVAREAADPSQLTDEDLGL
ANVILTNGARLYVDHAHPEYSTPEVTNPRDAVLWDKAGERIMAEAARRAADLPMGWTIQLYKNNTDNKGASYGCHENYLM
NRSTPFADIVRHLIPFFVTRQVFCGAGRVGIGADGRGEGFQLSQRADFFEVEVGLETTLKRPIINTRDEPHADPEKYRRL
HVIIGDANMSEIATYLKLGTTALVLAMIEDGFLSQDFSVESPVGALRAVSHDPTLRYQLRLHDGRRLTAVQLQMEYLEQA
RKYVEDRFGTDVDDMTRDVLDRWETTLVRLADDPMQLSRDLDWVAKLSILEGYRQRENLPWSAHKLQLVDLQYHDVRPDR
GLYNRLVARGRMNLLVDEAAVRTAMHEPPNDTRAYFRGRCLAKFGAEIAAASWDSVIFDLPGRDSLQRVPTLEPLRGTRA
HVGDLLDRCRSATELVAALTGGENLYFQ
;
_entity_poly.pdbx_strand_id   A
#
loop_
_chem_comp.id
_chem_comp.type
_chem_comp.name
_chem_comp.formula
EDO non-polymer 1,2-ETHANEDIOL 'C2 H6 O2'
PEG non-polymer DI(HYDROXYETHYL)ETHER 'C4 H10 O3'
PGE non-polymer 'TRIETHYLENE GLYCOL' 'C6 H14 O4'
SCN non-polymer 'THIOCYANATE ION' 'C N S -1'
#
# COMPACT_ATOMS: atom_id res chain seq x y z
N MET A 1 -10.23 14.73 5.14
CA MET A 1 -10.13 13.30 5.37
CA MET A 1 -10.13 13.29 5.40
C MET A 1 -9.08 13.06 6.46
N HIS A 2 -9.40 12.22 7.44
CA HIS A 2 -8.46 11.99 8.55
C HIS A 2 -8.72 10.59 9.11
N ARG A 3 -7.88 9.64 8.71
CA ARG A 3 -7.95 8.27 9.22
C ARG A 3 -6.55 7.67 9.10
N VAL A 4 -6.10 7.03 10.18
CA VAL A 4 -4.80 6.37 10.15
C VAL A 4 -4.83 5.27 9.10
N MET A 5 -3.84 5.27 8.22
CA MET A 5 -3.77 4.30 7.14
CA MET A 5 -3.77 4.32 7.12
C MET A 5 -2.32 4.09 6.75
N GLY A 6 -2.09 3.09 5.89
CA GLY A 6 -0.75 2.79 5.42
C GLY A 6 -0.80 1.84 4.24
N ILE A 7 0.36 1.67 3.61
CA ILE A 7 0.53 0.73 2.51
C ILE A 7 1.80 -0.05 2.72
N GLU A 8 1.75 -1.38 2.56
CA GLU A 8 2.94 -2.23 2.60
C GLU A 8 3.05 -2.91 1.26
N THR A 9 4.14 -2.64 0.53
CA THR A 9 4.28 -3.13 -0.83
C THR A 9 5.43 -4.12 -0.95
N GLU A 10 5.11 -5.34 -1.39
CA GLU A 10 6.10 -6.35 -1.72
CA GLU A 10 6.11 -6.35 -1.72
C GLU A 10 6.57 -6.12 -3.15
N TYR A 11 7.89 -5.99 -3.35
CA TYR A 11 8.47 -5.72 -4.66
C TYR A 11 8.92 -7.01 -5.34
N GLY A 12 8.61 -7.15 -6.63
CA GLY A 12 9.22 -8.22 -7.40
C GLY A 12 10.72 -8.01 -7.52
N ILE A 13 11.46 -9.11 -7.66
CA ILE A 13 12.94 -9.05 -7.60
C ILE A 13 13.52 -10.04 -8.59
N SER A 14 14.57 -9.60 -9.31
CA SER A 14 15.22 -10.42 -10.30
C SER A 14 16.71 -10.14 -10.25
N VAL A 15 17.52 -11.20 -10.34
CA VAL A 15 18.96 -11.07 -10.33
C VAL A 15 19.42 -11.62 -11.68
N PRO A 16 19.62 -10.78 -12.69
CA PRO A 16 19.96 -11.27 -14.01
C PRO A 16 21.28 -12.03 -14.00
N HIS A 17 21.38 -13.02 -14.89
CA HIS A 17 22.51 -13.93 -15.08
C HIS A 17 22.58 -15.01 -14.02
N GLN A 18 21.66 -15.05 -13.06
CA GLN A 18 21.65 -16.06 -12.00
C GLN A 18 20.37 -16.86 -12.08
N PRO A 19 20.37 -17.99 -12.80
CA PRO A 19 19.17 -18.82 -12.87
C PRO A 19 18.81 -19.38 -11.50
N ASN A 20 17.53 -19.27 -11.16
CA ASN A 20 17.01 -19.79 -9.89
C ASN A 20 17.65 -19.12 -8.68
N ALA A 21 18.13 -17.89 -8.85
CA ALA A 21 18.86 -17.19 -7.80
C ALA A 21 18.03 -17.12 -6.52
N ASN A 22 18.72 -17.18 -5.39
CA ASN A 22 18.05 -17.13 -4.09
C ASN A 22 17.43 -15.75 -3.94
N ALA A 23 16.11 -15.67 -4.09
CA ALA A 23 15.41 -14.40 -3.92
C ALA A 23 15.50 -13.90 -2.50
N MET A 24 15.53 -14.81 -1.53
CA MET A 24 15.66 -14.41 -0.13
C MET A 24 16.96 -13.65 0.09
N ALA A 25 18.06 -14.20 -0.42
CA ALA A 25 19.35 -13.58 -0.23
C ALA A 25 19.44 -12.26 -0.96
N ALA A 26 18.89 -12.19 -2.18
CA ALA A 26 18.87 -10.93 -2.92
C ALA A 26 18.05 -9.88 -2.19
N SER A 27 16.90 -10.29 -1.63
CA SER A 27 16.07 -9.34 -0.90
C SER A 27 16.78 -8.82 0.33
N SER A 28 17.48 -9.70 1.05
CA SER A 28 18.28 -9.27 2.20
C SER A 28 19.34 -8.27 1.78
N GLN A 29 19.99 -8.51 0.63
CA GLN A 29 21.00 -7.57 0.14
C GLN A 29 20.41 -6.18 -0.11
N VAL A 30 19.21 -6.13 -0.70
CA VAL A 30 18.55 -4.85 -0.94
C VAL A 30 18.33 -4.12 0.38
N VAL A 31 17.72 -4.81 1.36
CA VAL A 31 17.41 -4.15 2.63
C VAL A 31 18.69 -3.72 3.33
N ASN A 32 19.68 -4.62 3.37
CA ASN A 32 20.90 -4.35 4.11
C ASN A 32 21.72 -3.25 3.46
N ALA A 33 21.56 -3.05 2.17
CA ALA A 33 22.26 -2.03 1.46
C ALA A 33 21.77 -0.64 1.85
N TYR A 34 20.54 -0.52 2.34
CA TYR A 34 20.00 0.75 2.80
C TYR A 34 20.12 0.96 4.35
N ALA A 35 20.49 -0.08 5.10
CA ALA A 35 20.64 0.00 6.56
C ALA A 35 21.46 1.14 7.13
N PRO A 36 22.52 1.62 6.43
CA PRO A 36 23.25 2.75 6.99
C PRO A 36 22.48 4.04 7.17
N ILE A 37 21.38 4.22 6.43
CA ILE A 37 20.50 5.30 6.41
C ILE A 37 19.42 5.20 7.49
N GLY A 38 19.30 4.11 8.24
CA GLY A 38 18.29 4.03 9.31
C GLY A 38 18.75 3.38 10.62
N ALA A 39 17.88 2.68 11.36
CA ALA A 39 18.20 2.03 12.64
C ALA A 39 17.56 0.64 12.71
N PRO A 40 18.14 -0.29 13.50
CA PRO A 40 17.56 -1.63 13.56
C PRO A 40 16.16 -1.61 14.18
N ALA A 41 15.30 -2.46 13.63
CA ALA A 41 13.96 -2.65 14.17
C ALA A 41 14.02 -3.56 15.40
N GLN A 42 13.19 -3.25 16.39
CA GLN A 42 13.02 -4.16 17.52
C GLN A 42 12.35 -5.44 17.05
N ARG A 43 12.38 -6.47 17.91
CA ARG A 43 11.78 -7.77 17.58
C ARG A 43 10.31 -7.64 17.18
N GLN A 44 9.56 -6.79 17.87
CA GLN A 44 8.12 -6.68 17.65
C GLN A 44 7.77 -5.74 16.50
N ALA A 45 8.76 -5.25 15.74
CA ALA A 45 8.49 -4.33 14.62
C ALA A 45 8.03 -5.15 13.42
N ARG A 46 6.80 -5.66 13.50
CA ARG A 46 6.29 -6.60 12.51
C ARG A 46 4.79 -6.42 12.38
N TRP A 47 4.28 -6.66 11.16
CA TRP A 47 2.85 -6.83 10.94
C TRP A 47 2.51 -8.31 11.12
N ASP A 48 1.26 -8.57 11.56
CA ASP A 48 0.83 -9.94 11.84
C ASP A 48 1.07 -10.90 10.67
N PHE A 49 0.84 -10.45 9.43
CA PHE A 49 1.00 -11.33 8.27
C PHE A 49 2.44 -11.78 8.04
N GLU A 50 3.42 -11.17 8.72
CA GLU A 50 4.79 -11.64 8.62
C GLU A 50 5.02 -12.98 9.32
N GLU A 51 3.97 -13.53 9.94
CA GLU A 51 4.01 -14.89 10.45
C GLU A 51 4.36 -15.91 9.35
N GLU A 52 4.07 -15.62 8.09
N GLU A 52 4.01 -15.61 8.10
CA GLU A 52 4.21 -16.65 7.07
CA GLU A 52 4.26 -16.48 6.95
C GLU A 52 5.66 -16.92 6.64
C GLU A 52 5.66 -16.34 6.40
N ASN A 53 6.65 -16.29 7.27
CA ASN A 53 8.05 -16.32 6.87
C ASN A 53 8.81 -17.25 7.79
N PRO A 54 10.02 -17.67 7.39
CA PRO A 54 10.78 -18.65 8.20
C PRO A 54 11.16 -18.10 9.57
N LEU A 55 11.25 -19.02 10.53
CA LEU A 55 11.83 -18.73 11.85
C LEU A 55 11.07 -17.62 12.57
N ARG A 56 9.75 -17.65 12.52
CA ARG A 56 8.91 -16.68 13.24
C ARG A 56 7.94 -17.41 14.15
N ASP A 57 7.42 -16.66 15.13
CA ASP A 57 6.35 -17.14 15.98
C ASP A 57 5.00 -16.82 15.33
N ALA A 58 3.90 -16.94 16.10
CA ALA A 58 2.57 -16.72 15.55
C ALA A 58 2.32 -15.26 15.21
N ARG A 59 3.20 -14.36 15.62
CA ARG A 59 3.03 -12.92 15.40
C ARG A 59 3.96 -12.39 14.31
N GLY A 60 4.77 -13.25 13.71
CA GLY A 60 5.78 -12.77 12.78
C GLY A 60 7.08 -12.34 13.43
N PHE A 61 7.23 -12.50 14.75
CA PHE A 61 8.44 -12.07 15.44
C PHE A 61 9.50 -13.17 15.30
N GLU A 62 10.75 -12.76 15.11
CA GLU A 62 11.85 -13.71 14.99
C GLU A 62 11.99 -14.55 16.25
N VAL A 63 12.28 -15.83 16.08
CA VAL A 63 12.57 -16.74 17.19
C VAL A 63 14.02 -17.20 17.08
N ALA A 64 14.50 -17.84 18.14
CA ALA A 64 15.89 -18.25 18.23
C ALA A 64 16.10 -19.59 17.51
N ARG A 65 17.37 -19.98 17.40
CA ARG A 65 17.81 -21.18 16.67
C ARG A 65 17.71 -20.99 15.15
N LEU A 73 21.60 -21.95 8.88
CA LEU A 73 21.43 -21.03 7.77
C LEU A 73 21.62 -19.58 8.22
N THR A 74 22.23 -18.78 7.36
CA THR A 74 22.53 -17.40 7.71
C THR A 74 21.26 -16.55 7.73
N ASP A 75 21.32 -15.45 8.48
CA ASP A 75 20.18 -14.54 8.56
C ASP A 75 19.82 -13.96 7.20
N GLU A 76 20.80 -13.86 6.30
CA GLU A 76 20.50 -13.41 4.93
CA GLU A 76 20.52 -13.41 4.93
C GLU A 76 19.62 -14.41 4.20
N ASP A 77 19.93 -15.70 4.31
CA ASP A 77 19.10 -16.72 3.68
C ASP A 77 17.76 -16.90 4.38
N LEU A 78 17.57 -16.30 5.56
CA LEU A 78 16.30 -16.35 6.26
C LEU A 78 15.46 -15.09 6.11
N GLY A 79 16.01 -14.03 5.50
CA GLY A 79 15.24 -12.82 5.29
C GLY A 79 14.81 -12.11 6.55
N LEU A 80 15.71 -12.02 7.54
CA LEU A 80 15.39 -11.38 8.82
C LEU A 80 15.62 -9.87 8.84
N ALA A 81 16.36 -9.32 7.87
CA ALA A 81 16.71 -7.89 7.87
C ALA A 81 15.48 -7.00 8.01
N ASN A 82 15.58 -6.01 8.90
CA ASN A 82 14.41 -5.22 9.26
C ASN A 82 14.93 -3.89 9.78
N VAL A 83 14.69 -2.80 9.05
CA VAL A 83 15.31 -1.48 9.28
CA VAL A 83 15.27 -1.51 9.40
C VAL A 83 14.22 -0.42 9.41
N ILE A 84 14.35 0.48 10.39
CA ILE A 84 13.47 1.62 10.53
C ILE A 84 14.15 2.82 9.88
N LEU A 85 13.40 3.56 9.07
CA LEU A 85 13.96 4.69 8.32
C LEU A 85 13.62 6.03 8.96
N THR A 86 14.38 7.06 8.58
CA THR A 86 14.16 8.38 9.19
C THR A 86 12.88 9.05 8.70
N ASN A 87 12.24 8.52 7.66
CA ASN A 87 10.94 9.04 7.25
C ASN A 87 9.79 8.33 7.96
N GLY A 88 10.11 7.47 8.92
CA GLY A 88 9.09 6.73 9.63
C GLY A 88 8.67 5.42 9.01
N ALA A 89 9.22 5.05 7.85
CA ALA A 89 8.88 3.80 7.18
C ALA A 89 9.71 2.65 7.72
N ARG A 90 9.39 1.45 7.24
CA ARG A 90 10.16 0.27 7.60
C ARG A 90 10.46 -0.49 6.30
N LEU A 91 11.66 -1.05 6.24
CA LEU A 91 12.15 -1.80 5.09
C LEU A 91 12.58 -3.19 5.56
N TYR A 92 12.09 -4.24 4.90
CA TYR A 92 12.26 -5.60 5.42
C TYR A 92 12.07 -6.62 4.29
N VAL A 93 12.08 -7.92 4.64
CA VAL A 93 11.89 -9.00 3.68
C VAL A 93 10.63 -9.77 4.08
N ASP A 94 9.74 -9.98 3.11
CA ASP A 94 8.50 -10.68 3.39
C ASP A 94 8.18 -11.51 2.16
N HIS A 95 7.84 -12.80 2.37
CA HIS A 95 7.45 -13.66 1.26
C HIS A 95 8.59 -13.75 0.25
N ALA A 96 9.83 -13.70 0.77
CA ALA A 96 11.07 -13.74 -0.02
C ALA A 96 11.24 -12.55 -0.97
N HIS A 97 10.66 -11.41 -0.62
CA HIS A 97 10.76 -10.21 -1.44
C HIS A 97 11.08 -9.01 -0.56
N PRO A 98 11.71 -7.98 -1.10
CA PRO A 98 11.83 -6.73 -0.34
C PRO A 98 10.46 -6.11 -0.15
N GLU A 99 10.21 -5.54 1.03
CA GLU A 99 8.92 -4.92 1.33
C GLU A 99 9.15 -3.57 1.99
N TYR A 100 8.33 -2.59 1.62
CA TYR A 100 8.35 -1.27 2.23
C TYR A 100 7.01 -1.01 2.87
N SER A 101 7.04 -0.60 4.14
CA SER A 101 5.82 -0.22 4.87
C SER A 101 5.87 1.29 5.11
N THR A 102 4.86 2.02 4.61
CA THR A 102 4.87 3.48 4.80
C THR A 102 4.84 3.82 6.28
N PRO A 103 5.32 5.02 6.65
CA PRO A 103 4.91 5.56 7.95
C PRO A 103 3.39 5.61 8.06
N GLU A 104 2.91 5.70 9.30
CA GLU A 104 1.51 6.03 9.52
C GLU A 104 1.20 7.38 8.88
N VAL A 105 0.12 7.43 8.10
CA VAL A 105 -0.38 8.67 7.52
C VAL A 105 -1.86 8.78 7.84
N THR A 106 -2.44 9.96 7.54
CA THR A 106 -3.84 10.22 7.90
C THR A 106 -4.72 10.47 6.69
N ASN A 107 -4.22 10.37 5.47
CA ASN A 107 -5.03 10.74 4.32
C ASN A 107 -4.39 10.17 3.08
N PRO A 108 -5.14 10.08 1.98
CA PRO A 108 -4.62 9.37 0.79
C PRO A 108 -3.52 10.12 0.06
N ARG A 109 -3.49 11.45 0.10
CA ARG A 109 -2.40 12.14 -0.57
C ARG A 109 -1.07 11.87 0.12
N ASP A 110 -1.05 11.88 1.45
CA ASP A 110 0.17 11.53 2.16
C ASP A 110 0.52 10.06 1.96
N ALA A 111 -0.48 9.18 1.88
CA ALA A 111 -0.19 7.79 1.53
C ALA A 111 0.54 7.71 0.19
N VAL A 112 0.04 8.42 -0.82
CA VAL A 112 0.71 8.47 -2.12
C VAL A 112 2.16 8.93 -1.97
N LEU A 113 2.35 10.02 -1.24
CA LEU A 113 3.66 10.66 -1.17
C LEU A 113 4.69 9.71 -0.55
N TRP A 114 4.38 9.12 0.62
CA TRP A 114 5.36 8.29 1.29
C TRP A 114 5.47 6.92 0.64
N ASP A 115 4.43 6.46 -0.05
CA ASP A 115 4.55 5.24 -0.84
C ASP A 115 5.47 5.48 -2.05
N LYS A 116 5.36 6.65 -2.68
CA LYS A 116 6.22 6.98 -3.82
C LYS A 116 7.67 7.10 -3.36
N ALA A 117 7.89 7.66 -2.17
CA ALA A 117 9.24 7.69 -1.61
C ALA A 117 9.79 6.28 -1.46
N GLY A 118 8.93 5.30 -1.12
CA GLY A 118 9.35 3.91 -1.03
C GLY A 118 9.90 3.36 -2.33
N GLU A 119 9.31 3.75 -3.47
CA GLU A 119 9.86 3.30 -4.76
C GLU A 119 11.25 3.87 -4.95
N ARG A 120 11.45 5.13 -4.56
CA ARG A 120 12.77 5.75 -4.69
C ARG A 120 13.78 5.08 -3.77
N ILE A 121 13.35 4.75 -2.56
CA ILE A 121 14.21 4.05 -1.60
C ILE A 121 14.58 2.68 -2.14
N MET A 122 13.63 1.94 -2.70
CA MET A 122 13.95 0.64 -3.30
C MET A 122 14.96 0.79 -4.43
N ALA A 123 14.75 1.76 -5.34
CA ALA A 123 15.68 1.96 -6.43
C ALA A 123 17.08 2.27 -5.91
N GLU A 124 17.17 3.14 -4.90
CA GLU A 124 18.46 3.50 -4.34
C GLU A 124 19.10 2.32 -3.62
N ALA A 125 18.30 1.54 -2.90
CA ALA A 125 18.82 0.37 -2.21
C ALA A 125 19.43 -0.63 -3.20
N ALA A 126 18.74 -0.87 -4.33
CA ALA A 126 19.28 -1.77 -5.34
C ALA A 126 20.58 -1.23 -5.96
N ARG A 127 20.64 0.08 -6.21
CA ARG A 127 21.89 0.67 -6.70
CA ARG A 127 21.89 0.67 -6.70
C ARG A 127 23.02 0.49 -5.69
N ARG A 128 22.74 0.75 -4.41
CA ARG A 128 23.76 0.61 -3.37
CA ARG A 128 23.76 0.61 -3.37
C ARG A 128 24.21 -0.84 -3.21
N ALA A 129 23.29 -1.79 -3.37
CA ALA A 129 23.64 -3.20 -3.21
C ALA A 129 24.70 -3.62 -4.22
N ALA A 130 24.63 -3.08 -5.44
CA ALA A 130 25.60 -3.40 -6.47
C ALA A 130 26.97 -2.84 -6.14
N ASP A 131 27.03 -1.74 -5.38
CA ASP A 131 28.31 -1.09 -5.11
C ASP A 131 29.08 -1.72 -3.96
N LEU A 132 28.43 -2.49 -3.11
CA LEU A 132 29.14 -3.15 -2.02
C LEU A 132 29.99 -4.30 -2.57
N PRO A 133 31.14 -4.58 -1.97
CA PRO A 133 31.95 -5.70 -2.44
C PRO A 133 31.18 -7.01 -2.34
N MET A 134 31.31 -7.84 -3.39
CA MET A 134 30.57 -9.09 -3.53
C MET A 134 29.06 -8.88 -3.67
N GLY A 135 28.64 -7.65 -3.97
CA GLY A 135 27.23 -7.36 -4.11
C GLY A 135 26.70 -7.72 -5.49
N TRP A 136 25.39 -7.98 -5.54
CA TRP A 136 24.70 -8.39 -6.75
C TRP A 136 24.06 -7.20 -7.44
N THR A 137 23.85 -7.35 -8.75
CA THR A 137 23.05 -6.41 -9.52
C THR A 137 21.61 -6.87 -9.54
N ILE A 138 20.71 -6.05 -9.00
CA ILE A 138 19.36 -6.50 -8.65
C ILE A 138 18.33 -5.57 -9.28
N GLN A 139 17.34 -6.16 -9.97
CA GLN A 139 16.22 -5.40 -10.52
CA GLN A 139 16.22 -5.43 -10.53
C GLN A 139 14.98 -5.57 -9.64
N LEU A 140 14.22 -4.48 -9.50
CA LEU A 140 13.03 -4.48 -8.64
C LEU A 140 11.85 -3.93 -9.41
N TYR A 141 10.67 -4.51 -9.17
CA TYR A 141 9.46 -4.20 -9.90
C TYR A 141 8.32 -3.99 -8.93
N LYS A 142 7.62 -2.87 -9.07
CA LYS A 142 6.49 -2.58 -8.18
C LYS A 142 5.19 -3.14 -8.77
N ASN A 143 5.13 -4.46 -8.89
CA ASN A 143 3.97 -5.12 -9.50
C ASN A 143 3.53 -6.25 -8.56
N ASN A 144 2.78 -7.22 -9.09
CA ASN A 144 2.23 -8.26 -8.22
C ASN A 144 2.36 -9.66 -8.78
N THR A 145 3.05 -9.86 -9.90
CA THR A 145 3.14 -11.19 -10.50
CA THR A 145 3.19 -11.22 -10.38
C THR A 145 4.52 -11.41 -11.10
N ASP A 146 4.99 -12.65 -11.06
CA ASP A 146 6.28 -13.01 -11.61
C ASP A 146 6.15 -13.80 -12.90
N ASN A 147 4.92 -14.02 -13.37
CA ASN A 147 4.64 -14.76 -14.61
C ASN A 147 5.02 -16.24 -14.50
N LYS A 148 5.10 -16.79 -13.31
CA LYS A 148 5.37 -18.19 -13.12
C LYS A 148 4.34 -18.74 -12.21
N GLY A 149 3.15 -18.11 -12.17
CA GLY A 149 2.08 -18.52 -11.29
C GLY A 149 2.18 -17.97 -9.89
N ALA A 150 3.11 -17.09 -9.66
CA ALA A 150 3.34 -16.48 -8.35
C ALA A 150 2.74 -15.07 -8.23
N SER A 151 2.28 -14.79 -7.04
CA SER A 151 1.67 -13.51 -6.75
C SER A 151 2.22 -12.90 -5.45
N TYR A 152 2.38 -11.60 -5.44
N TYR A 152 2.38 -11.58 -5.45
CA TYR A 152 2.82 -10.98 -4.22
CA TYR A 152 2.88 -10.82 -4.30
C TYR A 152 1.93 -9.79 -3.92
C TYR A 152 1.81 -9.88 -3.89
N GLY A 153 1.90 -9.40 -2.66
CA GLY A 153 0.96 -8.42 -2.22
C GLY A 153 1.25 -6.97 -1.97
N CYS A 154 0.27 -6.17 -2.33
CA CYS A 154 0.29 -4.76 -1.94
C CYS A 154 -0.82 -4.59 -0.91
N HIS A 155 -0.43 -4.46 0.35
CA HIS A 155 -1.36 -4.46 1.47
C HIS A 155 -1.75 -3.04 1.82
N GLU A 156 -3.02 -2.82 2.13
CA GLU A 156 -3.49 -1.56 2.67
C GLU A 156 -3.94 -1.80 4.10
N ASN A 157 -3.65 -0.87 5.00
CA ASN A 157 -4.19 -0.94 6.34
C ASN A 157 -4.96 0.33 6.66
N TYR A 158 -6.10 0.18 7.34
CA TYR A 158 -6.95 1.29 7.75
C TYR A 158 -7.34 1.06 9.20
N LEU A 159 -7.16 2.09 10.02
CA LEU A 159 -7.54 2.00 11.43
C LEU A 159 -9.03 2.29 11.56
N MET A 160 -9.76 1.41 12.24
CA MET A 160 -11.21 1.51 12.39
C MET A 160 -11.59 1.37 13.85
N ASN A 161 -12.83 1.74 14.17
CA ASN A 161 -13.36 1.52 15.50
CA ASN A 161 -13.35 1.54 15.50
C ASN A 161 -13.56 0.03 15.74
N ARG A 162 -13.08 -0.47 16.89
CA ARG A 162 -13.32 -1.86 17.24
C ARG A 162 -14.82 -2.18 17.39
N SER A 163 -15.64 -1.16 17.70
CA SER A 163 -17.06 -1.42 17.91
C SER A 163 -17.85 -1.60 16.62
N THR A 164 -17.28 -1.28 15.46
CA THR A 164 -18.04 -1.44 14.21
C THR A 164 -18.26 -2.92 13.95
N PRO A 165 -19.50 -3.37 13.69
CA PRO A 165 -19.74 -4.80 13.49
C PRO A 165 -19.00 -5.32 12.25
N PHE A 166 -18.23 -6.40 12.44
CA PHE A 166 -17.45 -6.93 11.34
C PHE A 166 -18.34 -7.45 10.21
N ALA A 167 -19.53 -7.98 10.53
CA ALA A 167 -20.41 -8.45 9.48
C ALA A 167 -20.84 -7.33 8.54
N ASP A 168 -20.98 -6.10 9.05
CA ASP A 168 -21.31 -4.98 8.19
C ASP A 168 -20.10 -4.55 7.37
N ILE A 169 -18.91 -4.61 7.97
CA ILE A 169 -17.69 -4.36 7.20
C ILE A 169 -17.62 -5.30 6.01
N VAL A 170 -17.83 -6.59 6.25
CA VAL A 170 -17.72 -7.59 5.18
C VAL A 170 -18.79 -7.32 4.11
N ARG A 171 -20.04 -7.17 4.53
CA ARG A 171 -21.11 -7.14 3.54
CA ARG A 171 -21.13 -7.12 3.56
C ARG A 171 -21.05 -5.88 2.67
N HIS A 172 -20.60 -4.75 3.21
CA HIS A 172 -20.52 -3.56 2.38
C HIS A 172 -19.20 -3.44 1.63
N LEU A 173 -18.11 -4.05 2.12
CA LEU A 173 -16.85 -3.96 1.41
C LEU A 173 -16.72 -4.94 0.26
N ILE A 174 -17.28 -6.17 0.33
CA ILE A 174 -17.06 -7.11 -0.77
C ILE A 174 -17.46 -6.52 -2.12
N PRO A 175 -18.66 -5.97 -2.30
CA PRO A 175 -19.03 -5.51 -3.66
C PRO A 175 -18.17 -4.34 -4.11
N PHE A 176 -17.74 -3.50 -3.16
CA PHE A 176 -16.83 -2.39 -3.46
C PHE A 176 -15.47 -2.92 -3.91
N PHE A 177 -14.93 -3.91 -3.20
CA PHE A 177 -13.61 -4.45 -3.57
C PHE A 177 -13.65 -5.22 -4.88
N VAL A 178 -14.77 -5.89 -5.20
CA VAL A 178 -14.89 -6.64 -6.46
CA VAL A 178 -14.77 -6.63 -6.46
C VAL A 178 -14.80 -5.69 -7.65
N THR A 179 -15.26 -4.45 -7.47
CA THR A 179 -15.41 -3.52 -8.57
C THR A 179 -14.40 -2.38 -8.58
N ARG A 180 -13.65 -2.15 -7.49
CA ARG A 180 -12.70 -1.05 -7.38
CA ARG A 180 -12.81 -0.96 -7.51
C ARG A 180 -11.65 -1.09 -8.49
N GLN A 181 -11.31 -2.30 -8.96
CA GLN A 181 -10.29 -2.48 -9.99
C GLN A 181 -10.57 -1.71 -11.27
N VAL A 182 -11.81 -1.28 -11.53
CA VAL A 182 -12.05 -0.50 -12.75
C VAL A 182 -11.20 0.76 -12.78
N PHE A 183 -10.87 1.33 -11.60
CA PHE A 183 -9.91 2.43 -11.59
C PHE A 183 -8.60 2.11 -10.89
N CYS A 184 -8.57 1.04 -10.07
N CYS A 184 -8.49 1.06 -10.10
CA CYS A 184 -7.37 0.67 -9.31
CA CYS A 184 -7.17 0.85 -9.53
C CYS A 184 -6.48 -0.36 -10.02
C CYS A 184 -6.49 -0.43 -9.97
N GLY A 185 -7.00 -1.09 -11.00
CA GLY A 185 -6.22 -2.17 -11.61
C GLY A 185 -4.96 -1.63 -12.28
N ALA A 186 -3.89 -2.42 -12.21
CA ALA A 186 -2.63 -2.08 -12.87
C ALA A 186 -2.49 -2.74 -14.23
N GLY A 187 -3.40 -3.65 -14.59
CA GLY A 187 -3.35 -4.33 -15.89
C GLY A 187 -2.43 -5.54 -15.85
N ARG A 188 -2.77 -6.55 -16.65
CA ARG A 188 -1.98 -7.77 -16.71
C ARG A 188 -2.17 -8.43 -18.07
N VAL A 189 -1.07 -8.80 -18.72
CA VAL A 189 -1.13 -9.61 -19.92
C VAL A 189 -1.13 -11.07 -19.52
N GLY A 190 -2.18 -11.78 -19.92
CA GLY A 190 -2.36 -13.20 -19.63
C GLY A 190 -3.49 -13.43 -18.64
N ILE A 191 -4.26 -14.50 -18.88
CA ILE A 191 -5.48 -14.81 -18.13
C ILE A 191 -5.27 -16.14 -17.41
N GLY A 192 -5.72 -16.20 -16.16
CA GLY A 192 -5.50 -17.33 -15.29
C GLY A 192 -4.24 -17.12 -14.46
N ALA A 193 -4.17 -17.84 -13.34
CA ALA A 193 -3.01 -17.70 -12.46
C ALA A 193 -1.70 -17.98 -13.20
N ASP A 194 -1.69 -18.95 -14.11
CA ASP A 194 -0.46 -19.24 -14.84
C ASP A 194 -0.20 -18.27 -15.99
N GLY A 195 -1.14 -17.38 -16.29
CA GLY A 195 -0.96 -16.39 -17.34
C GLY A 195 -0.96 -16.94 -18.74
N ARG A 196 -1.40 -18.19 -18.94
CA ARG A 196 -1.35 -18.81 -20.27
CA ARG A 196 -1.37 -18.84 -20.25
C ARG A 196 -2.62 -18.58 -21.09
N GLY A 197 -3.71 -18.14 -20.46
CA GLY A 197 -4.87 -17.75 -21.25
C GLY A 197 -4.59 -16.46 -22.00
N GLU A 198 -5.14 -16.32 -23.19
CA GLU A 198 -4.79 -15.22 -24.07
CA GLU A 198 -4.79 -15.21 -24.08
C GLU A 198 -5.68 -14.01 -23.78
N GLY A 199 -5.05 -12.86 -23.51
CA GLY A 199 -5.79 -11.62 -23.36
C GLY A 199 -5.24 -10.70 -22.29
N PHE A 200 -5.79 -9.50 -22.22
CA PHE A 200 -5.42 -8.47 -21.26
C PHE A 200 -6.53 -8.38 -20.22
N GLN A 201 -6.15 -8.16 -18.97
CA GLN A 201 -7.14 -8.01 -17.90
C GLN A 201 -6.79 -6.83 -17.00
N LEU A 202 -7.80 -6.38 -16.25
CA LEU A 202 -7.66 -5.15 -15.47
C LEU A 202 -6.69 -5.29 -14.32
N SER A 203 -6.66 -6.46 -13.66
CA SER A 203 -6.04 -6.65 -12.36
CA SER A 203 -5.95 -6.57 -12.41
C SER A 203 -4.95 -7.71 -12.40
N GLN A 204 -3.81 -7.44 -11.77
CA GLN A 204 -2.77 -8.44 -11.55
CA GLN A 204 -2.82 -8.48 -11.60
C GLN A 204 -3.23 -9.50 -10.56
N ARG A 205 -3.99 -9.11 -9.52
CA ARG A 205 -4.28 -9.98 -8.38
C ARG A 205 -5.53 -10.83 -8.52
N ALA A 206 -6.49 -10.46 -9.38
CA ALA A 206 -7.81 -11.11 -9.36
C ALA A 206 -7.74 -12.62 -9.47
N ASP A 207 -6.86 -13.15 -10.33
CA ASP A 207 -6.85 -14.58 -10.58
C ASP A 207 -6.28 -15.40 -9.43
N PHE A 208 -5.77 -14.74 -8.40
CA PHE A 208 -5.12 -15.43 -7.30
C PHE A 208 -6.00 -15.53 -6.07
N PHE A 209 -7.28 -15.17 -6.18
CA PHE A 209 -8.19 -15.19 -5.04
C PHE A 209 -9.14 -16.37 -5.10
N GLU A 210 -9.46 -16.92 -3.93
CA GLU A 210 -10.18 -18.18 -3.87
C GLU A 210 -11.43 -18.13 -3.00
N VAL A 211 -11.47 -17.29 -1.96
CA VAL A 211 -12.58 -17.29 -1.01
C VAL A 211 -13.01 -15.85 -0.70
N GLU A 212 -14.18 -15.74 -0.06
CA GLU A 212 -14.72 -14.42 0.28
C GLU A 212 -14.07 -13.85 1.54
N VAL A 213 -13.95 -14.64 2.59
CA VAL A 213 -13.47 -14.16 3.89
C VAL A 213 -12.52 -15.21 4.47
N GLY A 214 -11.38 -14.79 5.01
CA GLY A 214 -10.44 -15.74 5.60
C GLY A 214 -9.22 -15.06 6.17
N LEU A 215 -8.42 -15.82 6.87
CA LEU A 215 -7.19 -15.30 7.49
C LEU A 215 -5.93 -15.37 6.68
N GLU A 216 -5.90 -16.19 5.65
CA GLU A 216 -4.66 -16.40 4.92
C GLU A 216 -4.33 -15.21 4.02
N THR A 217 -3.05 -15.05 3.73
CA THR A 217 -2.60 -14.00 2.81
C THR A 217 -1.78 -14.52 1.63
N THR A 218 -1.08 -15.66 1.76
CA THR A 218 -0.21 -16.14 0.69
C THR A 218 -0.75 -17.37 -0.01
N LEU A 219 -1.93 -17.84 0.37
CA LEU A 219 -2.61 -18.97 -0.24
C LEU A 219 -4.07 -18.84 0.15
N LYS A 220 -4.94 -19.59 -0.53
N LYS A 220 -4.93 -19.60 -0.52
CA LYS A 220 -6.39 -19.57 -0.25
CA LYS A 220 -6.39 -19.58 -0.31
C LYS A 220 -6.89 -18.14 -0.03
C LYS A 220 -6.87 -18.15 -0.03
N ARG A 221 -6.46 -17.25 -0.90
CA ARG A 221 -6.54 -15.83 -0.60
C ARG A 221 -7.98 -15.33 -0.55
N PRO A 222 -8.34 -14.54 0.47
CA PRO A 222 -9.71 -14.05 0.64
C PRO A 222 -9.90 -12.61 0.17
N ILE A 223 -11.09 -12.29 -0.34
CA ILE A 223 -11.41 -10.90 -0.68
C ILE A 223 -11.33 -10.02 0.55
N ILE A 224 -11.87 -10.48 1.68
CA ILE A 224 -11.75 -9.80 2.98
C ILE A 224 -10.83 -10.65 3.82
N ASN A 225 -9.61 -10.16 4.01
CA ASN A 225 -8.72 -10.79 4.96
C ASN A 225 -9.12 -10.39 6.38
N THR A 226 -9.08 -11.35 7.31
CA THR A 226 -9.58 -11.13 8.66
C THR A 226 -8.50 -10.77 9.68
N ARG A 227 -7.23 -10.70 9.30
CA ARG A 227 -6.21 -10.26 10.26
C ARG A 227 -6.54 -8.86 10.73
N ASP A 228 -6.56 -8.65 12.05
CA ASP A 228 -7.19 -7.45 12.57
C ASP A 228 -6.37 -6.70 13.60
N GLU A 229 -5.13 -7.13 13.83
CA GLU A 229 -4.34 -6.60 14.94
C GLU A 229 -3.79 -5.23 14.58
N PRO A 230 -4.19 -4.19 15.28
CA PRO A 230 -3.67 -2.86 14.97
C PRO A 230 -2.35 -2.60 15.69
N HIS A 231 -1.62 -1.64 15.15
CA HIS A 231 -0.50 -1.04 15.86
C HIS A 231 -1.00 0.09 16.75
N ALA A 232 -1.88 -0.29 17.68
CA ALA A 232 -2.62 0.63 18.54
C ALA A 232 -3.40 -0.24 19.53
N ASP A 233 -4.14 0.41 20.42
CA ASP A 233 -4.89 -0.33 21.45
C ASP A 233 -5.98 -1.18 20.81
N PRO A 234 -5.89 -2.51 20.85
CA PRO A 234 -6.91 -3.34 20.18
C PRO A 234 -8.26 -3.30 20.84
N GLU A 235 -8.36 -2.84 22.09
CA GLU A 235 -9.68 -2.70 22.68
CA GLU A 235 -9.68 -2.68 22.69
C GLU A 235 -10.46 -1.56 22.03
N LYS A 236 -9.75 -0.53 21.55
CA LYS A 236 -10.39 0.62 20.92
C LYS A 236 -10.46 0.50 19.41
N TYR A 237 -9.50 -0.17 18.80
CA TYR A 237 -9.36 -0.10 17.35
C TYR A 237 -9.26 -1.49 16.75
N ARG A 238 -9.78 -1.60 15.53
CA ARG A 238 -9.56 -2.74 14.65
C ARG A 238 -8.72 -2.23 13.50
N ARG A 239 -7.74 -3.04 13.06
CA ARG A 239 -7.08 -2.78 11.79
C ARG A 239 -7.81 -3.55 10.70
N LEU A 240 -8.19 -2.85 9.64
CA LEU A 240 -8.66 -3.51 8.42
C LEU A 240 -7.44 -3.71 7.53
N HIS A 241 -7.15 -4.97 7.20
CA HIS A 241 -6.00 -5.34 6.39
C HIS A 241 -6.52 -5.82 5.04
N VAL A 242 -6.23 -5.05 3.99
CA VAL A 242 -6.73 -5.31 2.64
C VAL A 242 -5.58 -5.86 1.80
N ILE A 243 -5.84 -6.94 1.07
CA ILE A 243 -4.83 -7.59 0.23
C ILE A 243 -5.26 -7.73 -1.22
N ILE A 244 -6.42 -7.20 -1.61
CA ILE A 244 -6.99 -7.42 -2.93
C ILE A 244 -6.39 -6.51 -4.00
N GLY A 245 -5.73 -5.42 -3.63
CA GLY A 245 -5.33 -4.43 -4.59
C GLY A 245 -4.00 -4.70 -5.27
N ASP A 246 -3.88 -4.23 -6.49
CA ASP A 246 -2.60 -4.22 -7.18
C ASP A 246 -1.76 -3.07 -6.65
N ALA A 247 -0.43 -3.26 -6.65
CA ALA A 247 0.45 -2.10 -6.50
C ALA A 247 0.25 -1.16 -7.69
N ASN A 248 0.10 0.13 -7.43
CA ASN A 248 -0.07 1.12 -8.49
C ASN A 248 1.18 1.97 -8.65
N MET A 249 1.50 2.30 -9.91
CA MET A 249 2.50 3.32 -10.18
C MET A 249 1.86 4.70 -10.19
N SER A 250 0.77 4.85 -10.94
CA SER A 250 0.08 6.13 -11.02
C SER A 250 -0.35 6.64 -9.65
N GLU A 251 -0.01 7.91 -9.38
CA GLU A 251 -0.40 8.55 -8.12
C GLU A 251 -1.91 8.74 -8.03
N ILE A 252 -2.57 8.96 -9.18
CA ILE A 252 -4.02 9.10 -9.17
C ILE A 252 -4.67 7.80 -8.76
N ALA A 253 -4.17 6.67 -9.26
CA ALA A 253 -4.74 5.36 -8.92
C ALA A 253 -4.55 5.06 -7.43
N THR A 254 -3.33 5.26 -6.90
CA THR A 254 -3.13 5.01 -5.46
C THR A 254 -4.02 5.92 -4.62
N TYR A 255 -4.11 7.20 -5.00
CA TYR A 255 -4.94 8.16 -4.27
C TYR A 255 -6.40 7.71 -4.25
N LEU A 256 -6.96 7.36 -5.42
CA LEU A 256 -8.34 6.90 -5.47
C LEU A 256 -8.52 5.60 -4.68
N LYS A 257 -7.56 4.69 -4.80
CA LYS A 257 -7.66 3.41 -4.09
C LYS A 257 -7.85 3.63 -2.58
N LEU A 258 -6.98 4.44 -1.98
CA LEU A 258 -7.06 4.65 -0.54
CA LEU A 258 -7.08 4.65 -0.54
C LEU A 258 -8.19 5.61 -0.18
N GLY A 259 -8.41 6.65 -1.00
CA GLY A 259 -9.39 7.67 -0.65
C GLY A 259 -10.81 7.17 -0.76
N THR A 260 -11.15 6.46 -1.85
CA THR A 260 -12.50 5.93 -1.97
C THR A 260 -12.76 4.88 -0.90
N THR A 261 -11.78 4.00 -0.63
CA THR A 261 -11.96 3.02 0.44
C THR A 261 -12.21 3.71 1.78
N ALA A 262 -11.45 4.76 2.08
CA ALA A 262 -11.65 5.46 3.36
C ALA A 262 -13.05 6.05 3.48
N LEU A 263 -13.59 6.61 2.39
CA LEU A 263 -14.95 7.14 2.44
C LEU A 263 -15.97 6.03 2.67
N VAL A 264 -15.76 4.87 2.04
CA VAL A 264 -16.68 3.75 2.27
C VAL A 264 -16.61 3.29 3.72
N LEU A 265 -15.39 3.22 4.29
CA LEU A 265 -15.25 2.87 5.71
C LEU A 265 -15.96 3.87 6.61
N ALA A 266 -15.90 5.16 6.28
CA ALA A 266 -16.62 6.14 7.10
C ALA A 266 -18.11 5.87 7.08
N MET A 267 -18.67 5.56 5.90
CA MET A 267 -20.09 5.24 5.80
C MET A 267 -20.43 4.00 6.61
N ILE A 268 -19.57 2.98 6.56
CA ILE A 268 -19.83 1.75 7.30
C ILE A 268 -19.84 2.02 8.80
N GLU A 269 -18.82 2.75 9.28
CA GLU A 269 -18.72 3.01 10.72
CA GLU A 269 -18.73 2.98 10.71
C GLU A 269 -19.88 3.83 11.23
N ASP A 270 -20.43 4.72 10.40
CA ASP A 270 -21.53 5.54 10.86
C ASP A 270 -22.88 4.88 10.60
N GLY A 271 -22.91 3.65 10.08
CA GLY A 271 -24.16 2.97 9.82
C GLY A 271 -25.00 3.62 8.75
N PHE A 272 -24.35 4.31 7.80
CA PHE A 272 -25.08 5.12 6.80
C PHE A 272 -25.70 4.27 5.71
N LEU A 273 -25.08 3.16 5.34
CA LEU A 273 -25.54 2.37 4.20
C LEU A 273 -26.71 1.47 4.61
N SER A 274 -27.86 1.68 3.99
CA SER A 274 -29.01 0.81 4.18
C SER A 274 -29.22 -0.13 3.00
N GLN A 275 -28.48 0.04 1.92
CA GLN A 275 -28.62 -0.77 0.73
C GLN A 275 -27.93 -2.11 0.92
N ASP A 276 -28.34 -3.10 0.13
CA ASP A 276 -27.67 -4.40 0.09
C ASP A 276 -27.07 -4.53 -1.31
N PHE A 277 -25.77 -4.34 -1.42
CA PHE A 277 -25.09 -4.43 -2.70
C PHE A 277 -24.50 -5.81 -2.95
N SER A 278 -24.87 -6.81 -2.14
CA SER A 278 -24.23 -8.12 -2.20
CA SER A 278 -24.19 -8.09 -2.21
C SER A 278 -24.29 -8.70 -3.61
N VAL A 279 -23.21 -9.35 -4.01
CA VAL A 279 -23.09 -9.90 -5.34
CA VAL A 279 -23.01 -9.90 -5.34
C VAL A 279 -23.04 -11.42 -5.25
N GLU A 280 -23.68 -12.08 -6.21
CA GLU A 280 -23.61 -13.53 -6.29
CA GLU A 280 -23.61 -13.52 -6.33
C GLU A 280 -22.19 -13.93 -6.68
N SER A 281 -21.65 -14.94 -6.01
CA SER A 281 -20.32 -15.49 -6.29
C SER A 281 -19.26 -14.41 -6.43
N PRO A 282 -18.97 -13.66 -5.36
CA PRO A 282 -18.06 -12.51 -5.50
C PRO A 282 -16.68 -12.85 -6.04
N VAL A 283 -16.13 -14.03 -5.74
CA VAL A 283 -14.83 -14.39 -6.29
C VAL A 283 -14.94 -14.55 -7.80
N GLY A 284 -16.00 -15.21 -8.27
CA GLY A 284 -16.23 -15.28 -9.70
C GLY A 284 -16.41 -13.92 -10.33
N ALA A 285 -17.14 -13.02 -9.65
CA ALA A 285 -17.34 -11.68 -10.20
C ALA A 285 -16.01 -10.91 -10.25
N LEU A 286 -15.16 -11.08 -9.24
CA LEU A 286 -13.85 -10.43 -9.23
C LEU A 286 -13.08 -10.79 -10.49
N ARG A 287 -13.05 -12.08 -10.83
CA ARG A 287 -12.35 -12.54 -12.04
CA ARG A 287 -12.34 -12.52 -12.03
C ARG A 287 -13.04 -12.03 -13.30
N ALA A 288 -14.36 -12.12 -13.34
CA ALA A 288 -15.07 -11.75 -14.56
C ALA A 288 -14.92 -10.25 -14.86
N VAL A 289 -14.94 -9.42 -13.81
CA VAL A 289 -14.72 -7.99 -14.02
C VAL A 289 -13.32 -7.76 -14.55
N SER A 290 -12.32 -8.41 -13.95
CA SER A 290 -10.95 -8.23 -14.40
C SER A 290 -10.78 -8.64 -15.85
N HIS A 291 -11.38 -9.77 -16.22
CA HIS A 291 -11.17 -10.34 -17.55
C HIS A 291 -11.89 -9.58 -18.66
N ASP A 292 -12.69 -8.55 -18.35
CA ASP A 292 -13.37 -7.76 -19.37
C ASP A 292 -12.93 -6.30 -19.33
N PRO A 293 -11.79 -5.97 -19.95
CA PRO A 293 -11.35 -4.57 -19.96
C PRO A 293 -12.19 -3.65 -20.82
N THR A 294 -13.20 -4.16 -21.55
CA THR A 294 -14.16 -3.28 -22.20
C THR A 294 -15.21 -2.73 -21.23
N LEU A 295 -15.24 -3.25 -20.00
CA LEU A 295 -16.07 -2.72 -18.92
C LEU A 295 -17.57 -2.92 -19.17
N ARG A 296 -17.92 -3.94 -19.97
CA ARG A 296 -19.31 -4.24 -20.27
C ARG A 296 -19.90 -5.34 -19.42
N TYR A 297 -19.07 -6.18 -18.79
CA TYR A 297 -19.58 -7.28 -17.99
C TYR A 297 -20.53 -6.77 -16.91
N GLN A 298 -21.71 -7.37 -16.81
CA GLN A 298 -22.71 -6.96 -15.82
CA GLN A 298 -22.69 -6.97 -15.81
C GLN A 298 -22.72 -7.98 -14.68
N LEU A 299 -22.34 -7.53 -13.49
CA LEU A 299 -22.43 -8.35 -12.29
C LEU A 299 -23.87 -8.74 -12.03
N ARG A 300 -24.03 -9.81 -11.27
CA ARG A 300 -25.33 -10.28 -10.83
C ARG A 300 -25.43 -10.03 -9.33
N LEU A 301 -26.29 -9.10 -8.92
CA LEU A 301 -26.48 -8.85 -7.51
C LEU A 301 -27.41 -9.91 -6.92
N HIS A 302 -27.30 -10.08 -5.60
CA HIS A 302 -28.15 -11.04 -4.92
C HIS A 302 -29.62 -10.72 -5.12
N ASP A 303 -29.98 -9.44 -5.25
CA ASP A 303 -31.37 -9.07 -5.47
C ASP A 303 -31.82 -9.22 -6.92
N GLY A 304 -30.94 -9.65 -7.82
CA GLY A 304 -31.26 -9.83 -9.22
C GLY A 304 -30.97 -8.64 -10.12
N ARG A 305 -30.54 -7.50 -9.57
CA ARG A 305 -30.10 -6.42 -10.42
C ARG A 305 -28.86 -6.82 -11.20
N ARG A 306 -28.70 -6.23 -12.38
CA ARG A 306 -27.53 -6.44 -13.22
C ARG A 306 -26.88 -5.09 -13.42
N LEU A 307 -25.62 -4.96 -12.98
CA LEU A 307 -24.91 -3.68 -13.04
C LEU A 307 -23.50 -3.95 -13.52
N THR A 308 -22.96 -3.09 -14.40
CA THR A 308 -21.51 -3.15 -14.65
C THR A 308 -20.75 -2.76 -13.39
N ALA A 309 -19.45 -3.11 -13.36
CA ALA A 309 -18.61 -2.69 -12.24
C ALA A 309 -18.58 -1.18 -12.11
N VAL A 310 -18.54 -0.46 -13.23
CA VAL A 310 -18.59 1.00 -13.17
C VAL A 310 -19.90 1.49 -12.55
N GLN A 311 -21.04 0.89 -12.97
CA GLN A 311 -22.33 1.28 -12.40
CA GLN A 311 -22.32 1.30 -12.41
C GLN A 311 -22.39 1.02 -10.91
N LEU A 312 -21.86 -0.11 -10.45
CA LEU A 312 -21.91 -0.36 -9.01
C LEU A 312 -21.03 0.63 -8.27
N GLN A 313 -19.83 0.92 -8.79
CA GLN A 313 -19.01 1.97 -8.19
C GLN A 313 -19.77 3.29 -8.13
N MET A 314 -20.53 3.63 -9.18
CA MET A 314 -21.29 4.88 -9.13
C MET A 314 -22.32 4.88 -8.01
N GLU A 315 -22.91 3.74 -7.69
CA GLU A 315 -23.82 3.67 -6.55
C GLU A 315 -23.11 3.95 -5.24
N TYR A 316 -21.88 3.43 -5.07
CA TYR A 316 -21.11 3.77 -3.87
C TYR A 316 -20.77 5.25 -3.84
N LEU A 317 -20.38 5.83 -4.98
CA LEU A 317 -20.07 7.26 -5.06
CA LEU A 317 -20.07 7.25 -5.02
C LEU A 317 -21.27 8.09 -4.65
N GLU A 318 -22.46 7.74 -5.16
CA GLU A 318 -23.65 8.51 -4.84
C GLU A 318 -23.96 8.47 -3.36
N GLN A 319 -23.77 7.30 -2.74
CA GLN A 319 -23.96 7.21 -1.29
C GLN A 319 -22.93 8.05 -0.55
N ALA A 320 -21.67 8.02 -1.00
CA ALA A 320 -20.62 8.79 -0.34
C ALA A 320 -20.92 10.28 -0.40
N ARG A 321 -21.41 10.76 -1.55
CA ARG A 321 -21.78 12.17 -1.64
C ARG A 321 -22.89 12.53 -0.66
N LYS A 322 -23.90 11.66 -0.55
CA LYS A 322 -24.99 11.94 0.38
CA LYS A 322 -24.98 11.95 0.39
C LYS A 322 -24.50 11.89 1.83
N TYR A 323 -23.64 10.93 2.15
CA TYR A 323 -23.08 10.83 3.49
C TYR A 323 -22.32 12.09 3.87
N VAL A 324 -21.46 12.57 2.97
CA VAL A 324 -20.65 13.75 3.26
C VAL A 324 -21.55 14.99 3.37
N GLU A 325 -22.54 15.12 2.49
CA GLU A 325 -23.44 16.26 2.56
CA GLU A 325 -23.44 16.27 2.56
C GLU A 325 -24.21 16.26 3.87
N ASP A 326 -24.66 15.09 4.31
CA ASP A 326 -25.46 15.02 5.53
C ASP A 326 -24.59 15.20 6.78
N ARG A 327 -23.36 14.72 6.76
CA ARG A 327 -22.51 14.80 7.94
CA ARG A 327 -22.51 14.80 7.94
C ARG A 327 -21.80 16.15 8.04
N PHE A 328 -21.34 16.69 6.91
CA PHE A 328 -20.54 17.91 6.93
C PHE A 328 -21.21 19.12 6.31
N GLY A 329 -22.27 18.93 5.52
CA GLY A 329 -22.90 20.07 4.88
C GLY A 329 -21.94 20.76 3.94
N THR A 330 -21.82 22.08 4.09
CA THR A 330 -20.90 22.86 3.28
C THR A 330 -19.54 23.05 3.94
N ASP A 331 -19.28 22.38 5.06
CA ASP A 331 -17.95 22.38 5.67
C ASP A 331 -17.12 21.16 5.27
N VAL A 332 -17.31 20.65 4.05
CA VAL A 332 -16.52 19.51 3.60
CA VAL A 332 -16.53 19.51 3.58
C VAL A 332 -15.08 19.92 3.38
N ASP A 333 -14.15 19.10 3.85
CA ASP A 333 -12.75 19.48 3.68
C ASP A 333 -12.31 19.25 2.23
N ASP A 334 -11.26 19.99 1.85
CA ASP A 334 -10.77 20.00 0.47
C ASP A 334 -10.48 18.61 -0.06
N MET A 335 -9.81 17.76 0.74
CA MET A 335 -9.38 16.47 0.20
C MET A 335 -10.56 15.54 -0.01
N THR A 336 -11.52 15.55 0.92
CA THR A 336 -12.74 14.78 0.72
C THR A 336 -13.48 15.21 -0.55
N ARG A 337 -13.64 16.53 -0.72
CA ARG A 337 -14.26 17.02 -1.94
C ARG A 337 -13.49 16.56 -3.17
N ASP A 338 -12.16 16.61 -3.12
CA ASP A 338 -11.34 16.22 -4.25
C ASP A 338 -11.47 14.74 -4.58
N VAL A 339 -11.44 13.86 -3.56
CA VAL A 339 -11.60 12.43 -3.81
C VAL A 339 -12.96 12.16 -4.46
N LEU A 340 -14.02 12.79 -3.94
CA LEU A 340 -15.34 12.55 -4.53
C LEU A 340 -15.38 13.00 -5.97
N ASP A 341 -14.83 14.18 -6.25
CA ASP A 341 -14.86 14.70 -7.61
C ASP A 341 -14.06 13.83 -8.57
N ARG A 342 -12.86 13.39 -8.16
CA ARG A 342 -12.05 12.54 -9.03
C ARG A 342 -12.68 11.15 -9.20
N TRP A 343 -13.27 10.59 -8.15
CA TRP A 343 -13.95 9.32 -8.26
C TRP A 343 -15.08 9.40 -9.29
N GLU A 344 -15.94 10.42 -9.16
CA GLU A 344 -17.04 10.58 -10.10
C GLU A 344 -16.55 10.82 -11.52
N THR A 345 -15.63 11.77 -11.71
CA THR A 345 -15.14 12.06 -13.05
CA THR A 345 -15.18 12.04 -13.07
C THR A 345 -14.51 10.81 -13.69
N THR A 346 -13.77 10.05 -12.90
CA THR A 346 -13.16 8.84 -13.44
C THR A 346 -14.22 7.84 -13.88
N LEU A 347 -15.28 7.66 -13.08
CA LEU A 347 -16.31 6.70 -13.44
C LEU A 347 -17.06 7.14 -14.69
N VAL A 348 -17.36 8.43 -14.81
CA VAL A 348 -18.03 8.94 -16.00
C VAL A 348 -17.18 8.68 -17.24
N ARG A 349 -15.88 8.96 -17.15
CA ARG A 349 -15.01 8.76 -18.30
CA ARG A 349 -15.01 8.76 -18.30
C ARG A 349 -14.82 7.27 -18.61
N LEU A 350 -14.76 6.43 -17.58
CA LEU A 350 -14.64 4.99 -17.82
C LEU A 350 -15.84 4.47 -18.61
N ALA A 351 -17.04 4.91 -18.26
CA ALA A 351 -18.24 4.43 -18.94
C ALA A 351 -18.30 4.91 -20.37
N ASP A 352 -17.68 6.04 -20.68
CA ASP A 352 -17.75 6.60 -22.03
C ASP A 352 -16.63 6.08 -22.92
N ASP A 353 -15.39 6.27 -22.51
CA ASP A 353 -14.23 5.77 -23.25
C ASP A 353 -13.05 5.71 -22.31
N PRO A 354 -12.68 4.51 -21.83
CA PRO A 354 -11.60 4.42 -20.84
C PRO A 354 -10.30 4.97 -21.35
N MET A 355 -10.08 4.96 -22.67
CA MET A 355 -8.77 5.39 -23.16
C MET A 355 -8.51 6.87 -22.91
N GLN A 356 -9.55 7.66 -22.59
CA GLN A 356 -9.39 9.05 -22.17
CA GLN A 356 -9.27 9.05 -22.24
C GLN A 356 -8.64 9.19 -20.85
N LEU A 357 -8.48 8.10 -20.09
CA LEU A 357 -7.89 8.09 -18.76
C LEU A 357 -6.42 7.64 -18.75
N SER A 358 -5.75 7.74 -19.91
CA SER A 358 -4.38 7.22 -19.99
C SER A 358 -3.37 8.02 -19.17
N ARG A 359 -3.68 9.26 -18.78
CA ARG A 359 -2.79 10.00 -17.87
C ARG A 359 -3.07 9.70 -16.41
N ASP A 360 -4.12 8.94 -16.10
CA ASP A 360 -4.58 8.75 -14.74
C ASP A 360 -4.46 7.32 -14.24
N LEU A 361 -4.80 6.32 -15.07
CA LEU A 361 -4.97 4.96 -14.58
C LEU A 361 -3.88 4.04 -15.14
N ASP A 362 -3.34 3.16 -14.28
CA ASP A 362 -2.26 2.28 -14.72
C ASP A 362 -2.71 1.33 -15.83
N TRP A 363 -3.85 0.65 -15.65
CA TRP A 363 -4.20 -0.33 -16.66
C TRP A 363 -4.43 0.33 -18.03
N VAL A 364 -4.93 1.56 -18.04
CA VAL A 364 -5.16 2.27 -19.30
C VAL A 364 -3.83 2.71 -19.91
N ALA A 365 -2.95 3.29 -19.10
CA ALA A 365 -1.64 3.72 -19.61
C ALA A 365 -0.86 2.52 -20.15
N LYS A 366 -0.88 1.40 -19.41
CA LYS A 366 -0.20 0.20 -19.86
C LYS A 366 -0.85 -0.37 -21.11
N LEU A 367 -2.18 -0.45 -21.14
CA LEU A 367 -2.86 -0.95 -22.33
C LEU A 367 -2.53 -0.11 -23.57
N SER A 368 -2.40 1.21 -23.39
CA SER A 368 -2.07 2.04 -24.54
CA SER A 368 -2.05 2.06 -24.53
C SER A 368 -0.69 1.69 -25.09
N ILE A 369 0.27 1.44 -24.21
CA ILE A 369 1.61 1.04 -24.66
C ILE A 369 1.53 -0.31 -25.38
N LEU A 370 0.80 -1.26 -24.78
CA LEU A 370 0.71 -2.60 -25.36
C LEU A 370 0.03 -2.56 -26.73
N GLU A 371 -1.01 -1.73 -26.88
CA GLU A 371 -1.67 -1.65 -28.17
C GLU A 371 -0.74 -1.05 -29.21
N GLY A 372 0.17 -0.16 -28.81
CA GLY A 372 1.16 0.34 -29.74
C GLY A 372 2.06 -0.75 -30.28
N TYR A 373 2.53 -1.63 -29.40
CA TYR A 373 3.30 -2.80 -29.86
C TYR A 373 2.46 -3.70 -30.76
N ARG A 374 1.21 -3.96 -30.37
CA ARG A 374 0.36 -4.83 -31.19
C ARG A 374 0.16 -4.25 -32.59
N GLN A 375 -0.03 -2.94 -32.69
CA GLN A 375 -0.20 -2.30 -34.00
C GLN A 375 1.09 -2.29 -34.80
N ARG A 376 2.22 -1.95 -34.17
CA ARG A 376 3.46 -1.84 -34.94
C ARG A 376 3.95 -3.19 -35.44
N GLU A 377 3.83 -4.21 -34.61
CA GLU A 377 4.47 -5.50 -34.85
C GLU A 377 3.51 -6.63 -35.14
N ASN A 378 2.21 -6.37 -35.21
CA ASN A 378 1.25 -7.42 -35.58
CA ASN A 378 1.20 -7.38 -35.53
C ASN A 378 1.29 -8.57 -34.57
N LEU A 379 1.37 -8.23 -33.25
CA LEU A 379 1.53 -9.22 -32.18
C LEU A 379 0.17 -9.61 -31.60
N PRO A 380 -0.12 -10.89 -31.50
CA PRO A 380 -1.29 -11.34 -30.76
C PRO A 380 -1.03 -11.24 -29.26
N TRP A 381 -2.12 -11.33 -28.49
CA TRP A 381 -2.00 -11.18 -27.04
C TRP A 381 -1.09 -12.23 -26.41
N SER A 382 -0.89 -13.37 -27.08
CA SER A 382 -0.04 -14.42 -26.55
C SER A 382 1.45 -14.16 -26.71
N ALA A 383 1.84 -13.09 -27.41
CA ALA A 383 3.25 -12.86 -27.71
C ALA A 383 4.04 -12.58 -26.45
N HIS A 384 5.17 -13.26 -26.29
CA HIS A 384 5.98 -13.10 -25.08
C HIS A 384 6.43 -11.65 -24.89
N LYS A 385 6.74 -10.94 -25.98
CA LYS A 385 7.19 -9.55 -25.87
C LYS A 385 6.17 -8.69 -25.10
N LEU A 386 4.88 -8.97 -25.24
CA LEU A 386 3.89 -8.19 -24.49
C LEU A 386 3.96 -8.45 -22.99
N GLN A 387 4.31 -9.67 -22.57
CA GLN A 387 4.52 -9.89 -21.15
C GLN A 387 5.78 -9.20 -20.63
N LEU A 388 6.81 -9.07 -21.48
CA LEU A 388 7.98 -8.29 -21.07
C LEU A 388 7.62 -6.82 -20.86
N VAL A 389 6.85 -6.25 -21.79
CA VAL A 389 6.44 -4.84 -21.71
C VAL A 389 5.56 -4.62 -20.48
N ASP A 390 4.62 -5.54 -20.20
CA ASP A 390 3.81 -5.49 -18.98
C ASP A 390 4.70 -5.31 -17.74
N LEU A 391 5.72 -6.16 -17.62
CA LEU A 391 6.63 -6.09 -16.48
C LEU A 391 7.43 -4.78 -16.47
N GLN A 392 7.95 -4.36 -17.62
CA GLN A 392 8.75 -3.12 -17.71
C GLN A 392 8.01 -1.91 -17.17
N TYR A 393 6.68 -1.89 -17.29
CA TYR A 393 5.92 -0.76 -16.79
C TYR A 393 6.25 -0.46 -15.33
N HIS A 394 6.57 -1.49 -14.54
CA HIS A 394 6.71 -1.41 -13.09
C HIS A 394 8.16 -1.37 -12.60
N ASP A 395 9.14 -1.33 -13.51
CA ASP A 395 10.54 -1.27 -13.10
C ASP A 395 10.79 0.02 -12.32
N VAL A 396 11.46 -0.09 -11.15
CA VAL A 396 11.72 1.09 -10.32
C VAL A 396 12.76 2.05 -10.90
N ARG A 397 13.53 1.62 -11.88
CA ARG A 397 14.60 2.47 -12.37
C ARG A 397 14.03 3.64 -13.16
N PRO A 398 14.60 4.84 -13.02
CA PRO A 398 13.97 6.02 -13.64
C PRO A 398 14.02 6.03 -15.16
N ASP A 399 15.01 5.37 -15.76
CA ASP A 399 15.19 5.32 -17.20
C ASP A 399 14.65 4.05 -17.82
N ARG A 400 14.33 3.03 -17.04
CA ARG A 400 13.92 1.74 -17.57
C ARG A 400 12.45 1.45 -17.35
N GLY A 401 11.86 1.91 -16.27
CA GLY A 401 10.44 1.66 -16.06
C GLY A 401 9.60 2.51 -16.99
N LEU A 402 8.56 1.88 -17.58
CA LEU A 402 7.79 2.61 -18.59
C LEU A 402 6.93 3.70 -17.96
N TYR A 403 6.36 3.43 -16.77
CA TYR A 403 5.67 4.51 -16.06
C TYR A 403 6.62 5.67 -15.80
N ASN A 404 7.84 5.35 -15.34
CA ASN A 404 8.81 6.40 -15.05
C ASN A 404 9.19 7.17 -16.30
N ARG A 405 9.27 6.49 -17.44
CA ARG A 405 9.55 7.21 -18.69
C ARG A 405 8.39 8.10 -19.11
N LEU A 406 7.13 7.69 -18.86
CA LEU A 406 6.00 8.58 -19.09
C LEU A 406 6.08 9.84 -18.22
N VAL A 407 6.41 9.67 -16.93
CA VAL A 407 6.52 10.81 -16.03
C VAL A 407 7.64 11.75 -16.47
N ALA A 408 8.76 11.18 -16.96
CA ALA A 408 9.87 12.01 -17.40
C ALA A 408 9.47 12.94 -18.53
N ARG A 409 8.43 12.58 -19.26
CA ARG A 409 7.90 13.38 -20.34
C ARG A 409 6.69 14.20 -19.94
N GLY A 410 6.32 14.19 -18.65
CA GLY A 410 5.12 14.91 -18.24
C GLY A 410 3.84 14.32 -18.77
N ARG A 411 3.80 13.01 -19.00
CA ARG A 411 2.64 12.36 -19.60
C ARG A 411 1.72 11.69 -18.61
N MET A 412 1.96 11.85 -17.31
CA MET A 412 1.03 11.35 -16.30
C MET A 412 0.62 12.49 -15.38
N ASN A 413 -0.63 12.47 -14.95
CA ASN A 413 -1.05 13.40 -13.92
C ASN A 413 -0.44 13.00 -12.58
N LEU A 414 0.01 13.99 -11.82
CA LEU A 414 0.66 13.75 -10.55
C LEU A 414 -0.10 14.50 -9.46
N LEU A 415 -0.01 13.98 -8.24
CA LEU A 415 -0.56 14.68 -7.10
C LEU A 415 0.48 15.41 -6.30
N VAL A 416 1.74 14.99 -6.38
CA VAL A 416 2.85 15.59 -5.65
C VAL A 416 4.00 15.82 -6.62
N ASP A 417 4.89 16.74 -6.26
CA ASP A 417 6.04 16.94 -7.13
C ASP A 417 7.24 16.13 -6.67
N GLU A 418 8.21 15.98 -7.59
CA GLU A 418 9.36 15.12 -7.29
C GLU A 418 10.17 15.65 -6.11
N ALA A 419 10.24 16.97 -5.93
CA ALA A 419 10.97 17.49 -4.79
C ALA A 419 10.32 17.04 -3.48
N ALA A 420 8.98 17.00 -3.43
CA ALA A 420 8.30 16.49 -2.24
C ALA A 420 8.60 15.01 -2.02
N VAL A 421 8.65 14.23 -3.11
CA VAL A 421 8.98 12.81 -3.00
C VAL A 421 10.38 12.63 -2.41
N ARG A 422 11.37 13.39 -2.92
CA ARG A 422 12.72 13.28 -2.40
CA ARG A 422 12.72 13.28 -2.40
C ARG A 422 12.77 13.64 -0.92
N THR A 423 12.06 14.70 -0.52
CA THR A 423 12.02 15.06 0.90
C THR A 423 11.41 13.95 1.74
N ALA A 424 10.33 13.33 1.23
CA ALA A 424 9.65 12.26 1.97
C ALA A 424 10.48 10.98 2.05
N MET A 425 11.60 10.88 1.31
CA MET A 425 12.49 9.74 1.53
C MET A 425 13.16 9.82 2.88
N HIS A 426 13.34 11.02 3.42
CA HIS A 426 14.09 11.18 4.66
CA HIS A 426 14.11 11.21 4.64
C HIS A 426 13.33 11.88 5.78
N GLU A 427 12.23 12.60 5.49
CA GLU A 427 11.47 13.25 6.54
CA GLU A 427 11.44 13.31 6.50
C GLU A 427 10.10 12.60 6.68
N PRO A 428 9.61 12.49 7.91
CA PRO A 428 8.33 11.81 8.17
C PRO A 428 7.14 12.73 7.93
N PRO A 429 5.93 12.14 7.86
CA PRO A 429 4.71 12.95 7.95
C PRO A 429 4.68 13.73 9.25
N ASN A 430 3.98 14.85 9.23
CA ASN A 430 3.95 15.74 10.39
C ASN A 430 2.82 15.43 11.35
N ASP A 431 1.84 14.63 10.96
CA ASP A 431 0.61 14.53 11.74
C ASP A 431 0.34 13.14 12.31
N THR A 432 1.37 12.30 12.42
CA THR A 432 1.24 11.04 13.14
C THR A 432 2.49 10.85 13.98
N ARG A 433 2.50 9.77 14.78
CA ARG A 433 3.67 9.43 15.58
C ARG A 433 4.91 9.13 14.74
N ALA A 434 4.75 8.89 13.43
CA ALA A 434 5.92 8.76 12.58
C ALA A 434 6.81 10.00 12.68
N TYR A 435 6.23 11.16 12.98
CA TYR A 435 7.03 12.37 13.13
C TYR A 435 8.07 12.20 14.23
N PHE A 436 7.61 11.86 15.44
CA PHE A 436 8.54 11.65 16.54
C PHE A 436 9.56 10.58 16.19
N ARG A 437 9.11 9.44 15.67
CA ARG A 437 10.03 8.34 15.38
CA ARG A 437 10.03 8.36 15.40
C ARG A 437 11.07 8.78 14.36
N GLY A 438 10.64 9.34 13.24
CA GLY A 438 11.58 9.71 12.19
C GLY A 438 12.52 10.82 12.61
N ARG A 439 12.00 11.86 13.25
CA ARG A 439 12.85 12.96 13.65
C ARG A 439 13.85 12.53 14.74
N CYS A 440 13.43 11.67 15.67
CA CYS A 440 14.40 11.15 16.63
C CYS A 440 15.52 10.38 15.94
N LEU A 441 15.19 9.56 14.95
CA LEU A 441 16.24 8.82 14.25
C LEU A 441 17.19 9.77 13.53
N ALA A 442 16.66 10.85 12.96
CA ALA A 442 17.52 11.79 12.23
C ALA A 442 18.40 12.61 13.17
N LYS A 443 17.83 13.16 14.26
CA LYS A 443 18.55 14.11 15.11
C LYS A 443 19.34 13.41 16.21
N PHE A 444 18.78 12.33 16.76
CA PHE A 444 19.34 11.63 17.92
C PHE A 444 19.74 10.20 17.58
N GLY A 445 20.02 9.92 16.31
CA GLY A 445 20.34 8.56 15.89
C GLY A 445 21.53 7.96 16.62
N ALA A 446 22.50 8.79 17.04
CA ALA A 446 23.66 8.28 17.76
C ALA A 446 23.28 7.63 19.08
N GLU A 447 22.10 7.96 19.62
CA GLU A 447 21.70 7.51 20.95
C GLU A 447 20.48 6.62 20.90
N ILE A 448 20.17 6.06 19.73
CA ILE A 448 19.05 5.15 19.58
C ILE A 448 19.57 3.74 19.32
N ALA A 449 19.12 2.82 20.15
CA ALA A 449 19.49 1.41 19.96
C ALA A 449 18.58 0.70 18.96
N ALA A 450 17.29 1.01 18.94
CA ALA A 450 16.33 0.31 18.08
C ALA A 450 15.03 1.11 18.11
N ALA A 451 14.14 0.79 17.18
CA ALA A 451 12.83 1.43 17.16
C ALA A 451 11.81 0.49 16.55
N SER A 452 10.54 0.81 16.75
CA SER A 452 9.42 0.05 16.20
C SER A 452 8.21 0.95 16.28
N TRP A 453 7.06 0.45 15.83
CA TRP A 453 5.87 1.29 15.83
C TRP A 453 5.52 1.72 17.25
N ASP A 454 5.81 0.86 18.23
CA ASP A 454 5.33 1.05 19.59
C ASP A 454 6.29 1.81 20.49
N SER A 455 7.56 1.95 20.10
CA SER A 455 8.50 2.64 20.99
C SER A 455 9.80 2.96 20.28
N VAL A 456 10.53 3.92 20.84
CA VAL A 456 11.92 4.22 20.49
C VAL A 456 12.78 3.89 21.70
N ILE A 457 13.91 3.20 21.48
CA ILE A 457 14.78 2.78 22.58
C ILE A 457 16.04 3.64 22.56
N PHE A 458 16.23 4.43 23.64
CA PHE A 458 17.37 5.33 23.74
C PHE A 458 18.44 4.75 24.65
N ASP A 459 19.70 4.99 24.28
CA ASP A 459 20.84 4.63 25.11
C ASP A 459 21.50 5.95 25.53
N LEU A 460 21.32 6.33 26.77
CA LEU A 460 21.84 7.60 27.25
C LEU A 460 23.18 7.37 27.93
N PRO A 461 24.24 8.11 27.57
CA PRO A 461 25.52 7.92 28.25
C PRO A 461 25.37 8.15 29.75
N GLY A 462 25.99 7.27 30.53
CA GLY A 462 25.89 7.42 31.97
C GLY A 462 24.65 6.83 32.61
N ARG A 463 23.72 6.28 31.82
CA ARG A 463 22.57 5.56 32.35
C ARG A 463 22.75 4.09 32.08
N ASP A 464 22.61 3.26 33.13
CA ASP A 464 22.86 1.83 33.01
C ASP A 464 21.88 1.16 32.05
N SER A 465 20.59 1.45 32.19
CA SER A 465 19.57 0.75 31.43
CA SER A 465 19.58 0.75 31.42
C SER A 465 19.17 1.54 30.19
N LEU A 466 18.83 0.81 29.13
CA LEU A 466 18.18 1.41 27.99
C LEU A 466 16.86 2.05 28.43
N GLN A 467 16.49 3.14 27.75
CA GLN A 467 15.28 3.90 28.10
C GLN A 467 14.27 3.73 26.97
N ARG A 468 13.16 3.07 27.25
CA ARG A 468 12.11 2.86 26.26
C ARG A 468 11.09 3.98 26.35
N VAL A 469 10.88 4.69 25.24
CA VAL A 469 9.84 5.72 25.16
C VAL A 469 8.68 5.15 24.34
N PRO A 470 7.55 4.83 24.96
CA PRO A 470 6.42 4.27 24.19
C PRO A 470 5.73 5.32 23.33
N THR A 471 5.25 4.84 22.18
CA THR A 471 4.50 5.62 21.20
C THR A 471 3.24 4.84 20.77
N LEU A 472 2.35 4.55 21.74
CA LEU A 472 1.28 3.60 21.48
C LEU A 472 0.12 4.19 20.69
N GLU A 473 -0.05 5.50 20.67
CA GLU A 473 -1.17 6.10 19.95
CA GLU A 473 -1.16 6.12 19.97
C GLU A 473 -0.68 6.71 18.65
N PRO A 474 -1.25 6.29 17.51
CA PRO A 474 -0.73 6.76 16.23
C PRO A 474 -0.89 8.25 15.99
N LEU A 475 -1.82 8.91 16.68
CA LEU A 475 -2.06 10.33 16.45
C LEU A 475 -1.44 11.23 17.52
N ARG A 476 -0.53 10.71 18.32
CA ARG A 476 0.27 11.56 19.19
CA ARG A 476 0.28 11.53 19.22
C ARG A 476 1.71 11.50 18.73
N GLY A 477 2.56 12.32 19.34
CA GLY A 477 3.92 12.43 18.84
C GLY A 477 4.03 13.11 17.49
N THR A 478 3.07 13.97 17.16
CA THR A 478 3.08 14.70 15.91
C THR A 478 3.92 15.96 16.04
N ARG A 479 4.12 16.65 14.92
CA ARG A 479 4.89 17.90 14.96
CA ARG A 479 4.89 17.90 14.95
C ARG A 479 4.26 18.90 15.91
N ALA A 480 2.93 18.99 15.93
CA ALA A 480 2.24 19.89 16.84
C ALA A 480 2.49 19.52 18.31
N HIS A 481 2.75 18.25 18.60
CA HIS A 481 2.97 17.83 19.98
C HIS A 481 4.41 17.96 20.43
N VAL A 482 5.37 17.57 19.58
CA VAL A 482 6.75 17.42 20.01
C VAL A 482 7.75 18.13 19.11
N GLY A 483 7.31 18.78 18.03
CA GLY A 483 8.29 19.42 17.15
C GLY A 483 9.13 20.47 17.84
N ASP A 484 8.50 21.34 18.63
CA ASP A 484 9.25 22.37 19.33
C ASP A 484 10.19 21.76 20.36
N LEU A 485 9.73 20.72 21.06
CA LEU A 485 10.59 20.04 22.03
C LEU A 485 11.81 19.43 21.35
N LEU A 486 11.58 18.71 20.26
CA LEU A 486 12.70 18.11 19.55
C LEU A 486 13.67 19.17 19.05
N ASP A 487 13.15 20.32 18.60
CA ASP A 487 14.00 21.40 18.12
C ASP A 487 14.90 21.94 19.22
N ARG A 488 14.38 22.06 20.44
CA ARG A 488 15.17 22.72 21.47
CA ARG A 488 15.15 22.72 21.49
C ARG A 488 16.11 21.77 22.20
N CYS A 489 15.81 20.47 22.23
CA CYS A 489 16.70 19.51 22.88
C CYS A 489 17.99 19.31 22.07
N ARG A 490 19.11 19.33 22.77
CA ARG A 490 20.42 19.15 22.16
C ARG A 490 20.91 17.72 22.28
N SER A 491 20.29 16.90 23.12
CA SER A 491 20.70 15.51 23.33
C SER A 491 19.49 14.66 23.65
N ALA A 492 19.65 13.35 23.46
CA ALA A 492 18.56 12.46 23.86
C ALA A 492 18.33 12.46 25.36
N THR A 493 19.38 12.77 26.15
CA THR A 493 19.19 12.86 27.59
C THR A 493 18.22 13.98 27.95
N GLU A 494 18.39 15.16 27.32
CA GLU A 494 17.44 16.25 27.53
C GLU A 494 16.03 15.87 27.07
N LEU A 495 15.94 15.20 25.91
CA LEU A 495 14.64 14.81 25.37
C LEU A 495 13.91 13.86 26.33
N VAL A 496 14.60 12.82 26.79
CA VAL A 496 13.98 11.84 27.67
C VAL A 496 13.57 12.49 28.98
N ALA A 497 14.41 13.38 29.52
CA ALA A 497 14.03 14.07 30.76
C ALA A 497 12.75 14.86 30.58
N ALA A 498 12.57 15.54 29.44
CA ALA A 498 11.32 16.26 29.19
C ALA A 498 10.14 15.30 29.05
N LEU A 499 10.30 14.24 28.24
CA LEU A 499 9.18 13.36 27.98
C LEU A 499 8.71 12.64 29.23
N THR A 500 9.63 12.35 30.15
CA THR A 500 9.27 11.64 31.38
C THR A 500 8.97 12.58 32.54
N GLY A 501 8.92 13.89 32.30
CA GLY A 501 8.60 14.83 33.38
C GLY A 501 7.12 14.82 33.72
N GLY A 502 6.82 14.99 35.00
CA GLY A 502 5.44 14.94 35.45
C GLY A 502 4.73 16.27 35.58
N GLU A 503 5.43 17.36 35.35
CA GLU A 503 4.85 18.70 35.49
C GLU A 503 4.49 19.31 34.15
N ASN A 504 5.33 19.13 33.15
CA ASN A 504 5.02 19.60 31.81
C ASN A 504 4.78 18.34 31.00
N LEU A 505 3.51 17.95 30.89
CA LEU A 505 3.16 16.60 30.44
C LEU A 505 3.13 16.50 28.93
N TYR A 506 3.80 15.48 28.40
CA TYR A 506 3.73 15.12 26.99
C TYR A 506 2.88 13.85 26.87
N PHE A 507 1.69 13.99 26.31
CA PHE A 507 0.77 12.88 26.12
C PHE A 507 1.17 12.20 24.81
N GLN A 508 1.70 10.98 24.90
CA GLN A 508 2.30 10.30 23.76
C GLN A 508 2.00 8.80 23.77
C1 PGE B . 7.35 4.31 -22.47
O1 PGE B . 6.27 3.59 -23.08
C2 PGE B . 7.11 5.80 -22.61
O2 PGE B . 7.16 6.18 -23.98
C3 PGE B . 7.02 7.58 -24.15
C4 PGE B . 6.91 7.88 -25.62
O4 PGE B . 3.22 8.28 -27.39
C6 PGE B . 4.09 7.30 -27.92
C5 PGE B . 5.52 7.60 -27.49
O3 PGE B . 5.68 7.40 -26.11
C1 PGE C . -9.43 17.57 -9.18
O1 PGE C . -9.30 18.61 -10.13
C2 PGE C . -10.91 17.31 -8.94
O2 PGE C . -11.58 17.26 -10.19
C3 PGE C . -11.96 15.96 -10.57
C4 PGE C . -11.50 15.70 -12.00
O4 PGE C . -8.17 12.97 -11.79
C6 PGE C . -9.56 12.79 -12.04
C5 PGE C . -10.09 13.98 -12.82
O3 PGE C . -10.22 15.08 -11.95
C1 PGE D . -13.02 6.62 12.13
O1 PGE D . -13.17 5.83 13.28
C2 PGE D . -11.96 7.69 12.29
O2 PGE D . -11.39 7.90 11.03
C3 PGE D . -12.16 8.68 10.08
C4 PGE D . -13.48 9.27 10.54
O4 PGE D . -17.52 7.37 10.34
C6 PGE D . -16.24 7.49 10.89
C5 PGE D . -15.79 8.89 10.51
O3 PGE D . -14.62 8.95 9.73
C1 PGE E . -16.21 15.51 -17.03
O1 PGE E . -15.00 14.81 -17.31
C2 PGE E . -17.21 14.55 -16.42
O2 PGE E . -17.30 14.82 -15.02
C3 PGE E . -18.63 14.90 -14.54
C4 PGE E . -18.67 14.37 -13.12
O4 PGE E . -16.26 17.50 -10.78
C6 PGE E . -17.34 16.58 -10.74
C5 PGE E . -17.85 16.38 -12.16
O3 PGE E . -18.88 15.41 -12.19
S SCN F . -4.44 0.17 10.85
C SCN F . -3.15 0.11 12.04
N SCN F . -2.31 -0.09 12.81
C1 PEG G . 7.72 16.83 5.27
C1 PEG G . 7.27 16.67 5.68
O1 PEG G . 6.45 16.49 5.74
O1 PEG G . 8.17 17.71 5.99
C2 PEG G . 7.63 17.36 3.84
C2 PEG G . 6.69 16.88 4.29
O2 PEG G . 7.08 16.38 2.99
O2 PEG G . 7.72 16.75 3.35
C3 PEG G . 7.44 16.53 1.65
C3 PEG G . 7.28 16.53 2.05
C4 PEG G . 7.04 17.93 1.19
C4 PEG G . 6.70 17.82 1.46
O4 PEG G . 8.19 18.66 0.86
O4 PEG G . 5.30 17.78 1.56
C1 PEG H . -22.01 12.06 -20.10
O1 PEG H . -23.05 11.89 -21.03
C2 PEG H . -20.77 11.24 -20.48
O2 PEG H . -19.67 12.09 -20.62
C3 PEG H . -18.61 11.55 -21.36
C4 PEG H . -17.33 11.64 -20.54
O4 PEG H . -16.21 11.47 -21.36
C1 EDO I . 5.36 1.04 9.08
O1 EDO I . 5.12 0.17 10.20
C2 EDO I . 6.29 2.21 9.46
O2 EDO I . 7.54 1.83 10.05
#